data_7QBN
#
_entry.id   7QBN
#
_cell.length_a   75.009
_cell.length_b   76.200
_cell.length_c   32.870
_cell.angle_alpha   90.000
_cell.angle_beta   90.000
_cell.angle_gamma   90.000
#
_symmetry.space_group_name_H-M   'P 21 21 2'
#
loop_
_entity.id
_entity.type
_entity.pdbx_description
1 polymer 'Cathepsin K'
2 non-polymer '(phenylmethyl) ~{N}-[(2~{S})-1-[[aminomethyl(methyl)amino]-methyl-amino]-1-oxidanylidene-3-phenyl-propan-2-yl]carbamate'
3 non-polymer 'CHLORIDE ION'
4 non-polymer 'ACETATE ION'
5 water water
#
_entity_poly.entity_id   1
_entity_poly.type   'polypeptide(L)'
_entity_poly.pdbx_seq_one_letter_code
;GRAPDSVDYRKKGYVTPVKNQGQCGSCWAFSSVGALEGQLKKKTGKLLNLSPQNLVDCVSENDGCGGGYMTNAFQYVQKN
RGIDSEDAYPYVGQEESCMYNPTGKAAKCRGYREIPEGNEKALKRAVARVGPVSVAIDASLTSFQFYSKGVYYDESCNSD
NLNHAVLAVGYGIQKGNKHWIIKNSWGENWGNKGYILMARNKNNACGIANLASFPKM
;
_entity_poly.pdbx_strand_id   A
#
loop_
_chem_comp.id
_chem_comp.type
_chem_comp.name
_chem_comp.formula
9ZG non-polymer '(phenylmethyl) ~{N}-[(2~{S})-1-[[aminomethyl(methyl)amino]-methyl-amino]-1-oxidanylidene-3-phenyl-propan-2-yl]carbamate' 'C20 H26 N4 O3'
ACT non-polymer 'ACETATE ION' 'C2 H3 O2 -1'
CL non-polymer 'CHLORIDE ION' 'Cl -1'
#
# COMPACT_ATOMS: atom_id res chain seq x y z
N GLY A 1 19.94 7.40 -13.98
CA GLY A 1 20.16 6.33 -12.94
C GLY A 1 19.86 4.91 -13.42
N ARG A 2 20.00 3.91 -12.54
CA ARG A 2 19.69 2.47 -12.80
C ARG A 2 18.17 2.25 -13.02
N ALA A 3 17.33 2.94 -12.25
CA ALA A 3 15.87 2.72 -12.22
C ALA A 3 15.30 3.03 -13.60
N PRO A 4 14.35 2.22 -14.11
CA PRO A 4 13.70 2.55 -15.38
C PRO A 4 12.93 3.86 -15.31
N ASP A 5 12.70 4.51 -16.45
CA ASP A 5 11.84 5.73 -16.51
C ASP A 5 10.40 5.38 -16.11
N SER A 6 9.92 4.18 -16.41
CA SER A 6 8.53 3.78 -16.08
C SER A 6 8.53 2.33 -15.62
N VAL A 7 7.73 2.08 -14.59
CA VAL A 7 7.49 0.68 -14.18
CA VAL A 7 7.55 0.73 -13.98
C VAL A 7 6.08 0.56 -13.65
N ASP A 8 5.47 -0.58 -13.99
CA ASP A 8 4.06 -0.82 -13.61
C ASP A 8 3.97 -2.26 -13.13
N TYR A 9 3.99 -2.47 -11.81
CA TYR A 9 4.03 -3.85 -11.26
C TYR A 9 2.70 -4.58 -11.47
N ARG A 10 1.63 -3.91 -11.87
CA ARG A 10 0.37 -4.60 -12.28
C ARG A 10 0.64 -5.47 -13.50
N LYS A 11 1.47 -4.99 -14.42
CA LYS A 11 1.82 -5.71 -15.68
CA LYS A 11 1.81 -5.71 -15.68
C LYS A 11 2.68 -6.93 -15.37
N LYS A 12 3.38 -6.94 -14.24
CA LYS A 12 4.27 -8.06 -13.80
C LYS A 12 3.55 -9.07 -12.89
N GLY A 13 2.26 -8.87 -12.62
CA GLY A 13 1.45 -9.78 -11.81
C GLY A 13 1.78 -9.71 -10.32
N TYR A 14 2.26 -8.58 -9.83
CA TYR A 14 2.67 -8.38 -8.42
C TYR A 14 1.49 -7.84 -7.60
N VAL A 15 0.39 -7.50 -8.27
CA VAL A 15 -0.68 -6.72 -7.59
C VAL A 15 -1.99 -7.51 -7.64
N THR A 16 -2.56 -7.74 -6.48
CA THR A 16 -3.86 -8.46 -6.35
C THR A 16 -5.01 -7.53 -6.73
N PRO A 17 -6.25 -8.06 -6.87
CA PRO A 17 -7.38 -7.23 -7.21
C PRO A 17 -7.63 -6.15 -6.16
N VAL A 18 -8.18 -5.03 -6.61
CA VAL A 18 -8.55 -3.92 -5.71
C VAL A 18 -9.60 -4.37 -4.70
N LYS A 19 -9.36 -4.00 -3.45
CA LYS A 19 -10.28 -4.31 -2.33
C LYS A 19 -11.05 -3.06 -1.91
N ASN A 20 -12.06 -3.27 -1.08
CA ASN A 20 -12.82 -2.17 -0.46
C ASN A 20 -12.73 -2.34 1.06
N GLN A 21 -12.15 -1.38 1.76
CA GLN A 21 -12.03 -1.45 3.24
C GLN A 21 -13.37 -1.16 3.92
N GLY A 22 -14.33 -0.54 3.24
CA GLY A 22 -15.58 -0.14 3.90
C GLY A 22 -15.35 0.96 4.93
N GLN A 23 -16.23 1.10 5.93
CA GLN A 23 -16.14 2.24 6.90
C GLN A 23 -15.03 2.01 7.92
N CYS A 24 -14.59 0.76 8.10
CA CYS A 24 -13.50 0.39 9.04
C CYS A 24 -12.24 1.19 8.70
N GLY A 25 -11.57 1.76 9.71
CA GLY A 25 -10.30 2.50 9.54
C GLY A 25 -9.11 1.58 9.33
N SER A 26 -9.14 0.75 8.30
CA SER A 26 -8.15 -0.34 8.06
C SER A 26 -7.29 -0.02 6.85
N CYS A 27 -7.25 1.22 6.37
CA CYS A 27 -6.41 1.60 5.21
C CYS A 27 -4.98 1.08 5.43
N TRP A 28 -4.46 1.17 6.66
CA TRP A 28 -3.06 0.80 7.01
C TRP A 28 -2.89 -0.70 6.76
N ALA A 29 -3.95 -1.47 6.98
CA ALA A 29 -3.87 -2.95 6.85
C ALA A 29 -3.85 -3.31 5.36
N PHE A 30 -4.65 -2.63 4.54
CA PHE A 30 -4.68 -2.87 3.08
C PHE A 30 -3.32 -2.46 2.50
N SER A 31 -2.80 -1.30 2.89
CA SER A 31 -1.51 -0.78 2.39
C SER A 31 -0.40 -1.77 2.70
N SER A 32 -0.37 -2.27 3.94
CA SER A 32 0.62 -3.24 4.46
C SER A 32 0.53 -4.54 3.67
N VAL A 33 -0.68 -5.11 3.51
N VAL A 33 -0.68 -5.06 3.55
CA VAL A 33 -0.78 -6.41 2.77
CA VAL A 33 -0.94 -6.32 2.81
C VAL A 33 -0.41 -6.21 1.32
C VAL A 33 -0.45 -6.19 1.37
N GLY A 34 -0.74 -5.07 0.71
CA GLY A 34 -0.38 -4.87 -0.69
C GLY A 34 1.14 -4.93 -0.85
N ALA A 35 1.90 -4.37 0.07
CA ALA A 35 3.38 -4.35 -0.03
C ALA A 35 3.88 -5.79 0.18
N LEU A 36 3.30 -6.50 1.14
CA LEU A 36 3.66 -7.91 1.38
C LEU A 36 3.29 -8.77 0.19
N GLU A 37 2.11 -8.57 -0.42
CA GLU A 37 1.73 -9.35 -1.63
C GLU A 37 2.77 -9.15 -2.73
N GLY A 38 3.21 -7.92 -2.94
CA GLY A 38 4.26 -7.68 -3.95
C GLY A 38 5.54 -8.46 -3.69
N GLN A 39 6.00 -8.44 -2.45
CA GLN A 39 7.26 -9.13 -2.06
C GLN A 39 7.04 -10.63 -2.16
N LEU A 40 5.85 -11.12 -1.83
CA LEU A 40 5.56 -12.57 -1.95
C LEU A 40 5.65 -12.99 -3.41
N LYS A 41 5.12 -12.20 -4.33
CA LYS A 41 5.19 -12.56 -5.77
C LYS A 41 6.64 -12.49 -6.20
N LYS A 42 7.37 -11.49 -5.76
CA LYS A 42 8.78 -11.34 -6.22
C LYS A 42 9.64 -12.54 -5.75
N LYS A 43 9.47 -12.93 -4.49
CA LYS A 43 10.33 -13.96 -3.82
C LYS A 43 9.90 -15.36 -4.24
N THR A 44 8.63 -15.60 -4.60
CA THR A 44 8.13 -17.00 -4.77
C THR A 44 7.48 -17.24 -6.13
N GLY A 45 7.09 -16.20 -6.85
CA GLY A 45 6.40 -16.34 -8.14
C GLY A 45 4.91 -16.51 -7.98
N LYS A 46 4.40 -16.53 -6.75
CA LYS A 46 2.94 -16.74 -6.51
C LYS A 46 2.31 -15.44 -6.07
N LEU A 47 1.17 -15.11 -6.64
CA LEU A 47 0.35 -13.96 -6.19
C LEU A 47 -0.79 -14.51 -5.32
N LEU A 48 -0.85 -14.11 -4.04
CA LEU A 48 -1.93 -14.53 -3.13
C LEU A 48 -2.50 -13.30 -2.45
N ASN A 49 -3.80 -13.27 -2.24
CA ASN A 49 -4.43 -12.23 -1.38
C ASN A 49 -4.05 -12.51 0.06
N LEU A 50 -3.38 -11.57 0.72
CA LEU A 50 -3.02 -11.76 2.14
C LEU A 50 -4.09 -11.07 2.99
N SER A 51 -4.13 -11.38 4.30
CA SER A 51 -5.26 -11.05 5.20
C SER A 51 -5.10 -9.70 5.90
N PRO A 52 -5.73 -8.60 5.43
CA PRO A 52 -5.77 -7.39 6.24
C PRO A 52 -6.49 -7.61 7.57
N GLN A 53 -7.44 -8.54 7.59
CA GLN A 53 -8.21 -8.82 8.84
C GLN A 53 -7.24 -9.33 9.91
N ASN A 54 -6.34 -10.24 9.55
CA ASN A 54 -5.29 -10.74 10.45
C ASN A 54 -4.62 -9.55 11.14
N LEU A 55 -4.29 -8.51 10.37
CA LEU A 55 -3.60 -7.34 10.92
C LEU A 55 -4.58 -6.56 11.81
N VAL A 56 -5.79 -6.26 11.32
CA VAL A 56 -6.80 -5.50 12.10
C VAL A 56 -6.94 -6.16 13.49
N ASP A 57 -7.07 -7.48 13.54
CA ASP A 57 -7.44 -8.18 14.80
C ASP A 57 -6.21 -8.32 15.71
N CYS A 58 -5.01 -8.45 15.12
CA CYS A 58 -3.83 -9.03 15.83
C CYS A 58 -2.71 -8.02 16.09
N VAL A 59 -2.65 -6.91 15.36
CA VAL A 59 -1.56 -5.92 15.58
C VAL A 59 -1.92 -5.11 16.81
N SER A 60 -1.40 -5.50 17.97
CA SER A 60 -1.84 -4.89 19.24
C SER A 60 -1.38 -3.42 19.35
N GLU A 61 -0.34 -2.99 18.60
CA GLU A 61 0.18 -1.59 18.64
C GLU A 61 -0.72 -0.65 17.82
N ASN A 62 -1.59 -1.20 17.00
CA ASN A 62 -2.57 -0.44 16.18
C ASN A 62 -3.96 -0.54 16.83
N ASP A 63 -4.89 0.27 16.34
CA ASP A 63 -6.26 0.36 16.93
C ASP A 63 -7.33 -0.32 16.06
N GLY A 64 -6.98 -1.39 15.33
CA GLY A 64 -7.97 -2.11 14.53
C GLY A 64 -8.64 -1.21 13.51
N CYS A 65 -9.94 -1.02 13.61
CA CYS A 65 -10.72 -0.14 12.70
C CYS A 65 -10.55 1.32 13.09
N GLY A 66 -9.79 1.57 14.16
CA GLY A 66 -9.47 2.89 14.71
C GLY A 66 -8.20 3.48 14.13
N GLY A 67 -7.59 2.81 13.15
CA GLY A 67 -6.39 3.30 12.49
C GLY A 67 -5.13 2.62 12.98
N GLY A 68 -4.02 2.89 12.30
CA GLY A 68 -2.77 2.15 12.55
C GLY A 68 -1.63 2.58 11.66
N TYR A 69 -0.43 2.14 12.00
CA TYR A 69 0.76 2.36 11.16
C TYR A 69 1.08 1.07 10.43
N MET A 70 1.47 1.22 9.17
CA MET A 70 2.01 0.12 8.37
C MET A 70 3.26 -0.46 9.03
N THR A 71 4.15 0.36 9.57
CA THR A 71 5.36 -0.17 10.23
C THR A 71 4.99 -1.16 11.35
N ASN A 72 3.90 -0.92 12.07
CA ASN A 72 3.48 -1.86 13.14
C ASN A 72 2.99 -3.17 12.51
N ALA A 73 2.39 -3.11 11.34
CA ALA A 73 1.96 -4.34 10.64
C ALA A 73 3.18 -5.17 10.22
N PHE A 74 4.17 -4.58 9.59
CA PHE A 74 5.38 -5.32 9.15
C PHE A 74 6.09 -5.91 10.38
N GLN A 75 6.20 -5.16 11.48
CA GLN A 75 6.87 -5.61 12.73
C GLN A 75 6.08 -6.82 13.25
N TYR A 76 4.75 -6.75 13.23
CA TYR A 76 3.90 -7.88 13.68
C TYR A 76 4.16 -9.11 12.82
N VAL A 77 4.13 -9.00 11.49
CA VAL A 77 4.28 -10.20 10.63
C VAL A 77 5.64 -10.85 10.96
N GLN A 78 6.67 -10.04 11.16
CA GLN A 78 8.01 -10.57 11.51
C GLN A 78 7.95 -11.27 12.88
N LYS A 79 7.48 -10.61 13.93
CA LYS A 79 7.56 -11.16 15.31
C LYS A 79 6.66 -12.40 15.39
N ASN A 80 5.53 -12.36 14.69
CA ASN A 80 4.50 -13.42 14.67
C ASN A 80 4.94 -14.63 13.85
N ARG A 81 5.96 -14.48 12.99
CA ARG A 81 6.47 -15.50 12.04
C ARG A 81 5.42 -15.88 10.99
N GLY A 82 4.51 -14.97 10.63
CA GLY A 82 3.55 -15.24 9.56
C GLY A 82 2.38 -14.28 9.49
N ILE A 83 1.74 -14.28 8.33
CA ILE A 83 0.43 -13.65 8.09
C ILE A 83 -0.38 -14.68 7.31
N ASP A 84 -1.66 -14.79 7.60
CA ASP A 84 -2.59 -15.69 6.89
C ASP A 84 -3.02 -15.12 5.53
N SER A 85 -3.68 -15.97 4.72
CA SER A 85 -4.40 -15.59 3.48
C SER A 85 -5.71 -14.87 3.78
N GLU A 86 -6.13 -13.96 2.90
CA GLU A 86 -7.51 -13.46 2.87
C GLU A 86 -8.53 -14.61 2.85
N ASP A 87 -8.26 -15.62 2.05
CA ASP A 87 -9.31 -16.63 1.69
C ASP A 87 -9.78 -17.35 2.95
N ALA A 88 -8.84 -17.71 3.84
CA ALA A 88 -9.19 -18.43 5.07
C ALA A 88 -9.28 -17.49 6.28
N TYR A 89 -8.81 -16.23 6.21
CA TYR A 89 -8.95 -15.22 7.30
C TYR A 89 -9.55 -13.98 6.68
N PRO A 90 -10.84 -14.01 6.30
CA PRO A 90 -11.41 -13.03 5.40
C PRO A 90 -11.67 -11.70 6.09
N TYR A 91 -11.71 -10.69 5.23
CA TYR A 91 -11.97 -9.30 5.66
C TYR A 91 -13.44 -9.10 5.98
N VAL A 92 -13.72 -8.69 7.21
CA VAL A 92 -15.12 -8.53 7.68
C VAL A 92 -15.37 -7.08 8.12
N GLY A 93 -14.44 -6.15 7.97
CA GLY A 93 -14.70 -4.69 8.09
C GLY A 93 -15.14 -4.32 9.50
N GLN A 94 -14.68 -5.07 10.49
CA GLN A 94 -14.96 -4.80 11.92
C GLN A 94 -13.86 -5.50 12.73
N GLU A 95 -13.57 -4.99 13.92
CA GLU A 95 -12.50 -5.56 14.75
C GLU A 95 -13.02 -6.79 15.51
N GLU A 96 -12.28 -7.89 15.41
CA GLU A 96 -12.60 -9.16 16.08
C GLU A 96 -11.38 -9.62 16.86
N SER A 97 -11.53 -10.65 17.69
CA SER A 97 -10.39 -11.23 18.44
C SER A 97 -9.45 -11.89 17.42
N CYS A 98 -8.18 -11.82 17.73
CA CYS A 98 -7.10 -12.37 16.88
C CYS A 98 -7.31 -13.88 16.70
N MET A 99 -7.41 -14.34 15.44
CA MET A 99 -7.62 -15.75 15.08
CA MET A 99 -7.53 -15.80 15.19
C MET A 99 -6.50 -16.22 14.14
N TYR A 100 -5.32 -15.64 14.25
CA TYR A 100 -4.15 -16.06 13.43
C TYR A 100 -3.93 -17.55 13.66
N ASN A 101 -3.70 -18.29 12.58
CA ASN A 101 -3.36 -19.73 12.62
CA ASN A 101 -3.27 -19.69 12.72
C ASN A 101 -2.13 -19.96 11.75
N PRO A 102 -1.09 -20.62 12.24
CA PRO A 102 0.06 -20.90 11.38
C PRO A 102 -0.19 -21.95 10.29
N THR A 103 -1.19 -22.83 10.43
CA THR A 103 -1.58 -23.79 9.36
C THR A 103 -1.94 -23.00 8.12
N GLY A 104 -2.51 -21.82 8.26
CA GLY A 104 -2.93 -20.98 7.12
C GLY A 104 -1.89 -19.96 6.71
N LYS A 105 -0.68 -20.02 7.25
CA LYS A 105 0.36 -19.00 6.94
C LYS A 105 0.59 -18.93 5.43
N ALA A 106 0.57 -17.73 4.85
CA ALA A 106 0.77 -17.51 3.40
C ALA A 106 2.02 -16.67 3.11
N ALA A 107 2.59 -15.96 4.07
CA ALA A 107 3.80 -15.12 3.85
C ALA A 107 4.48 -14.87 5.19
N LYS A 108 5.76 -14.50 5.14
CA LYS A 108 6.61 -14.13 6.28
C LYS A 108 7.24 -12.78 5.99
N CYS A 109 7.87 -12.20 6.98
CA CYS A 109 8.46 -10.86 6.87
C CYS A 109 9.72 -10.83 7.72
N ARG A 110 10.79 -10.21 7.25
CA ARG A 110 12.09 -10.10 7.96
CA ARG A 110 12.03 -10.12 8.07
C ARG A 110 12.34 -8.65 8.42
N GLY A 111 11.30 -7.81 8.46
CA GLY A 111 11.37 -6.45 8.99
C GLY A 111 10.97 -5.49 7.88
N TYR A 112 11.36 -4.24 8.01
CA TYR A 112 10.94 -3.23 7.01
C TYR A 112 12.03 -2.18 6.91
N ARG A 113 11.92 -1.38 5.85
CA ARG A 113 12.80 -0.22 5.61
C ARG A 113 11.96 1.01 5.31
N GLU A 114 12.50 2.17 5.66
CA GLU A 114 11.83 3.47 5.45
C GLU A 114 12.53 4.20 4.29
N ILE A 115 11.75 4.84 3.43
CA ILE A 115 12.33 5.79 2.43
C ILE A 115 12.62 7.11 3.17
N PRO A 116 13.77 7.76 2.90
CA PRO A 116 14.06 9.05 3.50
C PRO A 116 12.93 10.07 3.29
N GLU A 117 12.54 10.76 4.37
CA GLU A 117 11.40 11.71 4.42
C GLU A 117 11.52 12.70 3.26
N GLY A 118 10.50 12.67 2.41
CA GLY A 118 10.26 13.70 1.39
C GLY A 118 11.06 13.45 0.12
N ASN A 119 11.75 12.34 -0.01
CA ASN A 119 12.70 12.12 -1.13
C ASN A 119 12.00 11.25 -2.19
N GLU A 120 11.40 11.90 -3.17
CA GLU A 120 10.73 11.25 -4.31
C GLU A 120 11.77 10.53 -5.21
N LYS A 121 13.00 11.02 -5.32
CA LYS A 121 14.03 10.28 -6.08
CA LYS A 121 14.02 10.26 -6.09
C LYS A 121 14.25 8.90 -5.43
N ALA A 122 14.39 8.89 -4.11
CA ALA A 122 14.61 7.66 -3.32
C ALA A 122 13.36 6.77 -3.39
N LEU A 123 12.16 7.34 -3.34
CA LEU A 123 10.92 6.50 -3.49
C LEU A 123 10.90 5.83 -4.88
N LYS A 124 11.28 6.52 -5.95
CA LYS A 124 11.33 5.93 -7.30
C LYS A 124 12.31 4.76 -7.31
N ARG A 125 13.51 4.97 -6.75
CA ARG A 125 14.53 3.89 -6.79
C ARG A 125 14.04 2.70 -5.97
N ALA A 126 13.33 2.92 -4.87
CA ALA A 126 12.78 1.80 -4.06
C ALA A 126 11.71 1.05 -4.84
N VAL A 127 10.78 1.74 -5.45
CA VAL A 127 9.71 1.09 -6.23
C VAL A 127 10.39 0.28 -7.35
N ALA A 128 11.43 0.82 -7.98
CA ALA A 128 12.09 0.07 -9.07
C ALA A 128 12.83 -1.16 -8.52
N ARG A 129 13.55 -1.00 -7.42
CA ARG A 129 14.49 -2.03 -6.87
C ARG A 129 13.67 -3.12 -6.15
N VAL A 130 12.62 -2.73 -5.43
CA VAL A 130 11.94 -3.58 -4.40
C VAL A 130 10.65 -4.11 -4.99
N GLY A 131 9.80 -3.20 -5.45
CA GLY A 131 8.41 -3.49 -5.84
C GLY A 131 7.49 -2.47 -5.19
N PRO A 132 6.20 -2.81 -5.08
CA PRO A 132 5.22 -1.91 -4.44
C PRO A 132 5.62 -1.48 -3.02
N VAL A 133 5.40 -0.20 -2.75
CA VAL A 133 5.82 0.48 -1.49
C VAL A 133 4.57 1.08 -0.84
N SER A 134 4.45 0.88 0.46
CA SER A 134 3.38 1.48 1.29
C SER A 134 3.65 2.98 1.45
N VAL A 135 2.64 3.79 1.20
CA VAL A 135 2.77 5.27 1.34
C VAL A 135 1.56 5.85 2.08
N ALA A 136 1.80 6.97 2.76
CA ALA A 136 0.73 7.79 3.39
C ALA A 136 0.58 9.09 2.60
N ILE A 137 -0.66 9.55 2.42
CA ILE A 137 -0.96 10.74 1.59
C ILE A 137 -2.01 11.58 2.27
N ASP A 138 -2.14 12.81 1.77
CA ASP A 138 -3.35 13.63 1.98
C ASP A 138 -4.39 13.23 0.94
N ALA A 139 -5.40 12.46 1.33
CA ALA A 139 -6.54 12.08 0.48
C ALA A 139 -7.82 12.82 0.91
N SER A 140 -7.67 13.97 1.60
CA SER A 140 -8.83 14.65 2.27
C SER A 140 -9.70 15.43 1.27
N LEU A 141 -9.18 15.80 0.11
CA LEU A 141 -9.85 16.78 -0.79
C LEU A 141 -10.99 16.14 -1.55
N THR A 142 -12.05 16.88 -1.78
CA THR A 142 -13.18 16.37 -2.59
C THR A 142 -12.69 16.07 -4.01
N SER A 143 -11.67 16.76 -4.51
CA SER A 143 -11.09 16.48 -5.85
C SER A 143 -10.53 15.05 -5.90
N PHE A 144 -9.96 14.58 -4.80
CA PHE A 144 -9.47 13.18 -4.68
C PHE A 144 -10.67 12.22 -4.68
N GLN A 145 -11.70 12.49 -3.85
CA GLN A 145 -12.92 11.66 -3.81
CA GLN A 145 -12.90 11.64 -3.81
C GLN A 145 -13.47 11.42 -5.21
N PHE A 146 -13.60 12.47 -6.01
CA PHE A 146 -14.22 12.39 -7.37
C PHE A 146 -13.21 12.16 -8.50
N TYR A 147 -11.99 11.77 -8.20
CA TYR A 147 -10.97 11.47 -9.24
C TYR A 147 -11.54 10.46 -10.24
N SER A 148 -11.30 10.65 -11.53
CA SER A 148 -11.70 9.65 -12.57
C SER A 148 -10.50 9.19 -13.38
N LYS A 149 -9.75 10.12 -13.95
CA LYS A 149 -8.61 9.80 -14.83
C LYS A 149 -7.62 10.97 -14.88
N GLY A 150 -6.53 10.74 -15.59
CA GLY A 150 -5.44 11.73 -15.74
C GLY A 150 -4.53 11.69 -14.54
N VAL A 151 -3.65 12.67 -14.44
CA VAL A 151 -2.66 12.71 -13.35
C VAL A 151 -3.12 13.71 -12.31
N TYR A 152 -3.51 13.18 -11.17
CA TYR A 152 -4.07 14.01 -10.07
C TYR A 152 -3.02 14.99 -9.54
N TYR A 153 -3.38 16.28 -9.60
CA TYR A 153 -2.61 17.38 -8.99
C TYR A 153 -3.63 18.38 -8.49
N ASP A 154 -3.50 18.75 -7.22
CA ASP A 154 -4.32 19.80 -6.59
C ASP A 154 -3.40 20.65 -5.71
N GLU A 155 -3.37 21.96 -5.98
CA GLU A 155 -2.45 22.85 -5.23
C GLU A 155 -2.83 22.91 -3.74
N SER A 156 -4.05 22.52 -3.39
CA SER A 156 -4.55 22.51 -1.98
C SER A 156 -4.08 21.24 -1.27
N CYS A 157 -3.54 20.25 -1.96
CA CYS A 157 -3.03 19.05 -1.25
C CYS A 157 -1.92 19.47 -0.28
N ASN A 158 -1.88 18.87 0.89
CA ASN A 158 -0.98 19.30 1.98
C ASN A 158 -0.08 18.16 2.42
N SER A 159 1.20 18.26 2.07
CA SER A 159 2.17 17.17 2.33
C SER A 159 2.37 16.97 3.83
N ASP A 160 1.93 17.89 4.70
CA ASP A 160 1.99 17.67 6.18
C ASP A 160 0.68 17.15 6.75
N ASN A 161 -0.32 16.86 5.91
CA ASN A 161 -1.65 16.39 6.35
C ASN A 161 -1.81 14.96 5.84
N LEU A 162 -1.10 14.02 6.46
CA LEU A 162 -1.16 12.61 6.01
C LEU A 162 -2.35 11.94 6.70
N ASN A 163 -3.33 11.49 5.92
CA ASN A 163 -4.63 11.07 6.52
C ASN A 163 -5.19 9.84 5.79
N HIS A 164 -4.37 9.20 4.96
CA HIS A 164 -4.78 7.99 4.25
C HIS A 164 -3.54 7.19 3.90
N ALA A 165 -3.70 5.87 3.85
CA ALA A 165 -2.61 4.95 3.49
C ALA A 165 -3.01 4.15 2.26
N VAL A 166 -2.09 4.09 1.30
CA VAL A 166 -2.30 3.46 -0.04
C VAL A 166 -1.01 2.75 -0.45
N LEU A 167 -0.93 2.32 -1.70
CA LEU A 167 0.18 1.47 -2.16
C LEU A 167 0.68 2.04 -3.48
N ALA A 168 1.96 2.38 -3.57
CA ALA A 168 2.57 2.78 -4.85
C ALA A 168 2.98 1.49 -5.56
N VAL A 169 2.39 1.23 -6.72
CA VAL A 169 2.64 -0.01 -7.50
C VAL A 169 3.43 0.31 -8.77
N GLY A 170 3.85 1.54 -8.96
CA GLY A 170 4.71 1.89 -10.09
C GLY A 170 4.73 3.37 -10.29
N TYR A 171 5.28 3.81 -11.42
CA TYR A 171 5.37 5.25 -11.75
C TYR A 171 5.59 5.38 -13.25
N GLY A 172 5.36 6.56 -13.79
CA GLY A 172 5.46 6.71 -15.24
C GLY A 172 5.20 8.14 -15.62
N ILE A 173 4.70 8.32 -16.82
CA ILE A 173 4.40 9.67 -17.34
C ILE A 173 3.20 9.55 -18.28
N GLN A 174 2.29 10.51 -18.19
CA GLN A 174 1.05 10.50 -19.02
C GLN A 174 0.81 11.92 -19.50
N LYS A 175 0.79 12.11 -20.81
CA LYS A 175 0.58 13.45 -21.44
C LYS A 175 1.52 14.49 -20.81
N GLY A 176 2.78 14.11 -20.59
CA GLY A 176 3.84 15.00 -20.12
C GLY A 176 3.85 15.21 -18.61
N ASN A 177 2.96 14.56 -17.87
CA ASN A 177 2.82 14.71 -16.40
C ASN A 177 3.34 13.44 -15.74
N LYS A 178 4.47 13.52 -15.04
CA LYS A 178 4.99 12.34 -14.31
C LYS A 178 4.03 11.98 -13.19
N HIS A 179 3.95 10.69 -12.90
CA HIS A 179 3.00 10.19 -11.89
C HIS A 179 3.58 9.02 -11.11
N TRP A 180 2.90 8.77 -10.01
CA TRP A 180 2.93 7.52 -9.23
C TRP A 180 1.65 6.75 -9.54
N ILE A 181 1.74 5.43 -9.69
CA ILE A 181 0.54 4.59 -9.88
C ILE A 181 0.12 4.10 -8.50
N ILE A 182 -1.05 4.51 -8.03
CA ILE A 182 -1.51 4.30 -6.63
C ILE A 182 -2.73 3.38 -6.62
N LYS A 183 -2.58 2.27 -5.92
CA LYS A 183 -3.69 1.36 -5.57
C LYS A 183 -4.38 1.84 -4.30
N ASN A 184 -5.66 2.12 -4.39
CA ASN A 184 -6.47 2.53 -3.22
C ASN A 184 -7.19 1.27 -2.73
N SER A 185 -7.90 1.39 -1.62
CA SER A 185 -8.69 0.32 -0.97
C SER A 185 -10.15 0.79 -0.82
N TRP A 186 -10.65 1.52 -1.80
CA TRP A 186 -12.04 2.06 -1.79
C TRP A 186 -12.89 1.34 -2.82
N GLY A 187 -12.47 0.13 -3.23
CA GLY A 187 -13.21 -0.69 -4.22
C GLY A 187 -12.92 -0.29 -5.67
N GLU A 188 -13.50 -1.02 -6.60
CA GLU A 188 -13.15 -0.89 -8.03
C GLU A 188 -14.00 0.19 -8.69
N ASN A 189 -15.00 0.72 -8.00
CA ASN A 189 -15.92 1.72 -8.59
C ASN A 189 -15.43 3.13 -8.25
N TRP A 190 -14.40 3.27 -7.43
CA TRP A 190 -13.74 4.55 -7.10
C TRP A 190 -12.63 4.78 -8.10
N GLY A 191 -12.39 6.02 -8.49
CA GLY A 191 -11.18 6.30 -9.27
C GLY A 191 -11.24 5.60 -10.61
N ASN A 192 -10.06 5.19 -11.10
CA ASN A 192 -9.94 4.46 -12.36
C ASN A 192 -9.82 2.99 -12.02
N LYS A 193 -10.95 2.30 -11.90
CA LYS A 193 -10.96 0.88 -11.45
C LYS A 193 -10.18 0.75 -10.16
N GLY A 194 -10.28 1.72 -9.27
CA GLY A 194 -9.69 1.61 -7.91
C GLY A 194 -8.33 2.21 -7.79
N TYR A 195 -7.79 2.70 -8.91
CA TYR A 195 -6.45 3.32 -8.99
C TYR A 195 -6.53 4.82 -9.22
N ILE A 196 -5.43 5.48 -8.84
CA ILE A 196 -5.26 6.92 -9.13
C ILE A 196 -3.83 7.13 -9.55
N LEU A 197 -3.63 7.93 -10.60
CA LEU A 197 -2.29 8.39 -10.94
C LEU A 197 -2.09 9.71 -10.20
N MET A 198 -1.06 9.79 -9.37
CA MET A 198 -0.79 11.00 -8.54
C MET A 198 0.51 11.66 -8.98
N ALA A 199 0.49 12.98 -9.07
CA ALA A 199 1.63 13.75 -9.60
C ALA A 199 2.92 13.38 -8.90
N ARG A 200 3.97 13.26 -9.69
CA ARG A 200 5.31 12.86 -9.26
C ARG A 200 6.28 13.99 -9.58
N ASN A 201 7.21 14.23 -8.64
CA ASN A 201 8.25 15.28 -8.77
C ASN A 201 7.59 16.65 -8.83
N LYS A 202 6.40 16.77 -8.25
CA LYS A 202 5.71 18.09 -8.06
C LYS A 202 5.81 18.45 -6.57
N ASN A 203 7.04 18.59 -6.08
CA ASN A 203 7.35 18.98 -4.68
C ASN A 203 6.58 18.08 -3.70
N ASN A 204 6.67 16.77 -3.89
CA ASN A 204 6.13 15.78 -2.92
C ASN A 204 4.63 16.03 -2.74
N ALA A 205 3.89 16.13 -3.85
CA ALA A 205 2.45 16.42 -3.92
C ALA A 205 1.70 15.43 -3.01
N CYS A 206 0.89 15.97 -2.09
CA CYS A 206 0.05 15.19 -1.14
C CYS A 206 0.92 14.38 -0.17
N GLY A 207 2.22 14.66 -0.08
CA GLY A 207 3.14 14.01 0.89
C GLY A 207 3.40 12.55 0.58
N ILE A 208 3.34 12.18 -0.70
CA ILE A 208 3.56 10.78 -1.17
C ILE A 208 4.86 10.19 -0.60
N ALA A 209 5.94 10.96 -0.52
CA ALA A 209 7.25 10.42 -0.09
C ALA A 209 7.57 10.76 1.37
N ASN A 210 6.61 11.21 2.17
CA ASN A 210 6.89 11.65 3.56
C ASN A 210 6.90 10.49 4.55
N LEU A 211 6.19 9.38 4.28
CA LEU A 211 6.14 8.24 5.21
C LEU A 211 5.94 6.95 4.43
N ALA A 212 6.93 6.63 3.60
CA ALA A 212 6.88 5.45 2.71
C ALA A 212 7.73 4.36 3.36
N SER A 213 7.30 3.11 3.23
CA SER A 213 8.01 1.95 3.81
C SER A 213 7.68 0.70 3.01
N PHE A 214 8.54 -0.30 3.13
CA PHE A 214 8.34 -1.60 2.48
C PHE A 214 8.86 -2.69 3.39
N PRO A 215 8.26 -3.89 3.27
CA PRO A 215 8.73 -5.03 4.04
C PRO A 215 9.90 -5.73 3.35
N LYS A 216 10.76 -6.31 4.18
CA LYS A 216 11.85 -7.24 3.80
C LYS A 216 11.30 -8.65 3.88
N MET A 217 11.59 -9.49 2.90
CA MET A 217 11.12 -10.89 2.87
C MET A 217 12.25 -11.85 2.51
C4 9ZG B . -4.98 5.38 9.22
C14 9ZG B . -3.16 6.15 14.06
C5 9ZG B . -3.69 6.14 9.33
C6 9ZG B . -2.82 5.90 8.11
C11 9ZG B . -0.37 8.79 8.31
C7 9ZG B . -1.55 6.69 8.20
C8 9ZG B . -0.34 6.05 8.34
C9 9ZG B . 0.84 6.75 8.51
C10 9ZG B . 0.82 8.12 8.47
C12 9ZG B . -1.55 8.09 8.18
C13 9ZG B . -3.35 6.33 11.72
N1 9ZG B . -7.14 5.15 8.31
N2 9ZG B . -8.46 3.80 6.93
C3 9ZG B . -5.93 7.26 7.95
N3 9ZG B . -5.97 5.88 8.44
C1 9ZG B . -8.19 5.37 9.29
C2 9ZG B . -7.30 4.36 7.19
O1 9ZG B . -5.10 4.28 9.74
N4 9ZG B . -2.97 5.81 10.55
O2 9ZG B . -4.28 7.12 11.84
O3 9ZG B . -2.63 5.82 12.73
C15 9ZG B . -2.68 5.14 15.05
C16 9ZG B . -1.39 4.65 14.99
C17 9ZG B . -0.97 3.68 15.90
C18 9ZG B . -1.82 3.25 16.89
C19 9ZG B . -3.10 3.72 16.95
C20 9ZG B . -3.53 4.69 16.06
CL CL C . 3.46 3.68 8.80
C ACT D . 10.30 18.39 -7.47
O ACT D . 10.70 17.49 -6.82
OXT ACT D . 9.42 19.17 -7.06
CH3 ACT D . 10.94 18.62 -8.87
#